data_4KL7
#
_entry.id   4KL7
#
_cell.length_a   42.427
_cell.length_b   51.595
_cell.length_c   66.594
_cell.angle_alpha   90.00
_cell.angle_beta   104.06
_cell.angle_gamma   90.00
#
_symmetry.space_group_name_H-M   'P 1 21 1'
#
loop_
_entity.id
_entity.type
_entity.pdbx_description
1 polymer 'Resuscitation-promoting factor RpfB'
2 non-polymer 'SULFATE ION'
3 water water
#
_entity_poly.entity_id   1
_entity_poly.type   'polypeptide(L)'
_entity_poly.pdbx_seq_one_letter_code
;SIWDAIAGCEAGGNWAINTGNGYYGGVQFDQGTWEANGGLRYAPRADLATREEQIAVAEVTRLRQGWGAWPVCAARAGAR
;
_entity_poly.pdbx_strand_id   A,B,C,D
#
loop_
_chem_comp.id
_chem_comp.type
_chem_comp.name
_chem_comp.formula
SO4 non-polymer 'SULFATE ION' 'O4 S -2'
#
# COMPACT_ATOMS: atom_id res chain seq x y z
N SER A 1 -8.41 3.24 -18.77
CA SER A 1 -7.99 4.68 -18.66
C SER A 1 -6.74 4.81 -17.80
N ILE A 2 -5.58 4.75 -18.44
CA ILE A 2 -4.30 4.73 -17.75
C ILE A 2 -4.12 5.96 -16.86
N TRP A 3 -4.66 7.08 -17.28
CA TRP A 3 -4.50 8.33 -16.52
C TRP A 3 -5.19 8.32 -15.19
N ASP A 4 -6.27 7.54 -15.06
CA ASP A 4 -6.90 7.39 -13.75
C ASP A 4 -6.02 6.63 -12.75
N ALA A 5 -5.27 5.66 -13.25
CA ALA A 5 -4.28 4.95 -12.42
C ALA A 5 -3.12 5.90 -12.03
N ILE A 6 -2.66 6.73 -12.98
CA ILE A 6 -1.63 7.73 -12.67
C ILE A 6 -2.16 8.71 -11.66
N ALA A 7 -3.43 9.16 -11.81
CA ALA A 7 -4.00 10.11 -10.88
C ALA A 7 -4.27 9.56 -9.50
N GLY A 8 -4.58 8.26 -9.40
CA GLY A 8 -4.72 7.65 -8.09
C GLY A 8 -3.38 7.68 -7.37
N CYS A 9 -2.31 7.38 -8.09
CA CYS A 9 -0.92 7.41 -7.59
C CYS A 9 -0.42 8.82 -7.24
N GLU A 10 -0.70 9.78 -8.10
CA GLU A 10 -0.17 11.13 -7.92
C GLU A 10 -0.93 11.95 -6.89
N ALA A 11 -2.25 11.79 -6.87
CA ALA A 11 -3.15 12.69 -6.18
C ALA A 11 -4.37 12.00 -5.52
N GLY A 12 -4.30 10.68 -5.35
CA GLY A 12 -5.43 9.92 -4.79
C GLY A 12 -6.75 10.15 -5.53
N GLY A 13 -6.66 10.40 -6.84
CA GLY A 13 -7.85 10.53 -7.66
C GLY A 13 -8.53 11.87 -7.53
N ASN A 14 -7.85 12.84 -6.92
CA ASN A 14 -8.39 14.18 -6.77
C ASN A 14 -7.85 15.10 -7.84
N TRP A 15 -8.62 15.26 -8.90
CA TRP A 15 -8.17 16.05 -10.03
C TRP A 15 -8.14 17.54 -9.80
N ALA A 16 -8.79 18.00 -8.72
CA ALA A 16 -8.76 19.39 -8.32
C ALA A 16 -7.73 19.72 -7.26
N ILE A 17 -6.82 18.79 -6.98
CA ILE A 17 -5.93 19.00 -5.84
C ILE A 17 -4.97 20.16 -6.09
N ASN A 18 -4.72 20.90 -5.01
CA ASN A 18 -3.86 22.07 -5.02
C ASN A 18 -3.32 22.27 -3.63
N THR A 19 -2.26 21.53 -3.32
CA THR A 19 -1.77 21.47 -1.95
C THR A 19 -0.75 22.52 -1.60
N GLY A 20 -0.12 23.13 -2.61
CA GLY A 20 0.91 24.10 -2.38
C GLY A 20 2.30 23.53 -2.57
N ASN A 21 2.39 22.30 -3.06
CA ASN A 21 3.69 21.60 -3.21
C ASN A 21 4.42 21.85 -4.54
N GLY A 22 3.97 22.83 -5.32
CA GLY A 22 4.54 23.06 -6.61
C GLY A 22 3.89 22.33 -7.75
N TYR A 23 2.91 21.48 -7.42
CA TYR A 23 2.25 20.63 -8.43
C TYR A 23 0.75 20.78 -8.30
N TYR A 24 0.07 20.49 -9.39
CA TYR A 24 -1.34 20.82 -9.49
C TYR A 24 -2.13 19.74 -10.17
N GLY A 25 -3.29 19.45 -9.62
CA GLY A 25 -4.26 18.55 -10.22
C GLY A 25 -3.95 17.08 -10.14
N GLY A 26 -4.73 16.32 -10.90
CA GLY A 26 -4.76 14.87 -10.79
C GLY A 26 -3.46 14.17 -11.12
N VAL A 27 -2.72 14.72 -12.07
CA VAL A 27 -1.43 14.16 -12.45
C VAL A 27 -0.23 15.03 -12.05
N GLN A 28 -0.51 15.98 -11.16
CA GLN A 28 0.55 16.75 -10.49
C GLN A 28 1.51 17.39 -11.48
N PHE A 29 0.92 18.20 -12.36
CA PHE A 29 1.69 19.06 -13.22
C PHE A 29 2.33 20.20 -12.43
N ASP A 30 3.60 20.49 -12.70
CA ASP A 30 4.12 21.79 -12.29
C ASP A 30 3.64 22.82 -13.30
N GLN A 31 3.69 24.08 -12.91
CA GLN A 31 3.10 25.12 -13.73
C GLN A 31 3.84 25.27 -15.06
N GLY A 32 5.16 25.16 -15.04
CA GLY A 32 5.89 25.34 -16.30
C GLY A 32 5.51 24.31 -17.34
N THR A 33 5.33 23.08 -16.88
CA THR A 33 4.97 21.98 -17.77
C THR A 33 3.53 22.12 -18.25
N TRP A 34 2.64 22.57 -17.35
CA TRP A 34 1.27 22.85 -17.77
C TRP A 34 1.27 23.86 -18.91
N GLU A 35 2.01 24.94 -18.74
CA GLU A 35 2.01 25.99 -19.75
C GLU A 35 2.70 25.55 -21.02
N ALA A 36 3.84 24.89 -20.87
CA ALA A 36 4.63 24.48 -22.03
C ALA A 36 3.88 23.53 -22.97
N ASN A 37 2.92 22.76 -22.42
CA ASN A 37 2.19 21.74 -23.19
C ASN A 37 0.76 22.17 -23.55
N GLY A 38 0.56 23.47 -23.50
CA GLY A 38 -0.68 24.11 -23.97
C GLY A 38 -1.84 24.27 -22.98
N GLY A 39 -1.56 24.09 -21.71
CA GLY A 39 -2.57 24.06 -20.66
C GLY A 39 -3.37 25.34 -20.50
N LEU A 40 -2.75 26.50 -20.78
CA LEU A 40 -3.47 27.75 -20.62
C LEU A 40 -4.68 27.91 -21.53
N ARG A 41 -4.74 27.12 -22.59
CA ARG A 41 -5.90 27.10 -23.47
C ARG A 41 -7.12 26.61 -22.73
N TYR A 42 -6.92 25.74 -21.72
CA TYR A 42 -8.01 25.20 -20.94
C TYR A 42 -8.27 25.90 -19.63
N ALA A 43 -7.22 26.21 -18.87
CA ALA A 43 -7.38 26.84 -17.55
C ALA A 43 -6.07 27.42 -17.04
N PRO A 44 -6.13 28.30 -16.03
CA PRO A 44 -4.91 28.95 -15.56
C PRO A 44 -3.89 27.95 -15.00
N ARG A 45 -4.36 26.88 -14.38
CA ARG A 45 -3.52 25.85 -13.82
C ARG A 45 -4.18 24.51 -14.03
N ALA A 46 -3.46 23.43 -13.87
CA ALA A 46 -4.01 22.08 -14.10
C ALA A 46 -5.21 21.79 -13.20
N ASP A 47 -5.15 22.21 -11.94
CA ASP A 47 -6.20 21.86 -11.00
C ASP A 47 -7.52 22.59 -11.30
N LEU A 48 -7.47 23.61 -12.15
CA LEU A 48 -8.66 24.40 -12.52
C LEU A 48 -9.26 23.89 -13.83
N ALA A 49 -8.57 22.95 -14.47
CA ALA A 49 -9.04 22.34 -15.68
C ALA A 49 -9.78 21.05 -15.31
N THR A 50 -10.65 20.59 -16.20
CA THR A 50 -11.35 19.32 -15.94
C THR A 50 -10.42 18.11 -16.14
N ARG A 51 -10.79 16.97 -15.57
CA ARG A 51 -10.05 15.72 -15.81
C ARG A 51 -9.72 15.51 -17.31
N GLU A 52 -10.69 15.69 -18.17
CA GLU A 52 -10.50 15.47 -19.61
C GLU A 52 -9.48 16.46 -20.19
N GLU A 53 -9.55 17.71 -19.76
CA GLU A 53 -8.60 18.72 -20.22
C GLU A 53 -7.20 18.39 -19.68
N GLN A 54 -7.10 18.03 -18.40
CA GLN A 54 -5.80 17.67 -17.84
C GLN A 54 -5.21 16.47 -18.61
N ILE A 55 -6.04 15.49 -18.92
CA ILE A 55 -5.61 14.36 -19.73
C ILE A 55 -5.12 14.76 -21.13
N ALA A 56 -5.84 15.66 -21.80
CA ALA A 56 -5.39 16.12 -23.11
C ALA A 56 -3.99 16.73 -23.04
N VAL A 57 -3.77 17.59 -22.05
CA VAL A 57 -2.45 18.19 -21.87
C VAL A 57 -1.41 17.10 -21.52
N ALA A 58 -1.82 16.13 -20.71
CA ALA A 58 -0.93 15.01 -20.32
C ALA A 58 -0.52 14.15 -21.50
N GLU A 59 -1.43 13.94 -22.46
CA GLU A 59 -1.11 13.19 -23.70
C GLU A 59 -0.04 13.92 -24.50
N VAL A 60 -0.15 15.24 -24.68
CA VAL A 60 0.87 16.01 -25.36
C VAL A 60 2.17 15.94 -24.59
N THR A 61 2.09 16.08 -23.28
CA THR A 61 3.30 16.06 -22.43
C THR A 61 4.01 14.71 -22.56
N ARG A 62 3.24 13.64 -22.48
CA ARG A 62 3.83 12.31 -22.60
C ARG A 62 4.49 12.11 -23.96
N LEU A 63 3.88 12.63 -25.03
CA LEU A 63 4.46 12.52 -26.35
C LEU A 63 5.79 13.30 -26.44
N ARG A 64 5.79 14.51 -25.90
CA ARG A 64 6.97 15.36 -25.94
C ARG A 64 8.08 14.92 -24.97
N GLN A 65 7.72 14.52 -23.74
CA GLN A 65 8.69 14.33 -22.64
C GLN A 65 8.87 12.89 -22.19
N GLY A 66 7.94 12.00 -22.58
CA GLY A 66 7.94 10.61 -22.14
C GLY A 66 7.23 10.39 -20.81
N TRP A 67 7.11 9.11 -20.41
CA TRP A 67 6.48 8.77 -19.15
C TRP A 67 7.31 9.20 -17.95
N GLY A 68 8.56 9.60 -18.17
CA GLY A 68 9.43 10.07 -17.11
C GLY A 68 8.98 11.34 -16.44
N ALA A 69 7.99 12.00 -17.05
CA ALA A 69 7.30 13.12 -16.38
C ALA A 69 6.54 12.71 -15.09
N TRP A 70 6.24 11.42 -14.95
CA TRP A 70 5.56 10.84 -13.77
C TRP A 70 6.40 9.63 -13.23
N PRO A 71 7.55 9.89 -12.56
CA PRO A 71 8.62 8.87 -12.29
C PRO A 71 8.42 7.44 -11.67
N VAL A 72 7.36 7.28 -10.89
CA VAL A 72 6.95 6.05 -10.20
C VAL A 72 5.52 5.73 -10.64
N CYS A 73 4.69 6.77 -10.75
CA CYS A 73 3.31 6.53 -10.99
C CYS A 73 2.98 6.01 -12.39
N ALA A 74 3.78 6.40 -13.39
CA ALA A 74 3.63 5.86 -14.74
C ALA A 74 3.77 4.33 -14.70
N ALA A 75 4.78 3.84 -13.98
CA ALA A 75 5.03 2.40 -13.86
C ALA A 75 3.87 1.71 -13.11
N ARG A 76 3.43 2.35 -12.04
CA ARG A 76 2.30 1.80 -11.25
C ARG A 76 1.02 1.66 -12.11
N ALA A 77 0.88 2.51 -13.14
CA ALA A 77 -0.28 2.46 -14.01
C ALA A 77 -0.08 1.51 -15.20
N GLY A 78 1.08 0.86 -15.25
CA GLY A 78 1.42 -0.10 -16.32
C GLY A 78 2.29 0.45 -17.43
N ALA A 79 2.70 1.72 -17.32
CA ALA A 79 3.16 2.50 -18.47
C ALA A 79 4.27 1.99 -19.36
N ARG A 80 4.01 2.28 -20.63
CA ARG A 80 4.91 2.16 -21.76
C ARG A 80 6.32 2.71 -21.52
N SER B 1 2.86 24.48 15.10
CA SER B 1 2.90 23.17 14.37
C SER B 1 3.31 23.25 12.89
N ILE B 2 4.60 23.47 12.65
CA ILE B 2 5.09 23.58 11.28
C ILE B 2 4.75 22.31 10.51
N TRP B 3 4.72 21.19 11.21
CA TRP B 3 4.46 19.93 10.54
C TRP B 3 3.04 19.82 9.99
N ASP B 4 2.10 20.53 10.60
CA ASP B 4 0.75 20.59 10.01
C ASP B 4 0.73 21.38 8.69
N ALA B 5 1.47 22.46 8.61
CA ALA B 5 1.62 23.18 7.34
C ALA B 5 2.29 22.27 6.28
N ILE B 6 3.36 21.58 6.69
CA ILE B 6 4.05 20.68 5.79
C ILE B 6 3.14 19.55 5.32
N ALA B 7 2.35 18.99 6.22
CA ALA B 7 1.41 17.90 5.87
C ALA B 7 0.29 18.40 4.94
N GLY B 8 -0.12 19.64 5.10
CA GLY B 8 -1.08 20.26 4.18
C GLY B 8 -0.50 20.26 2.77
N CYS B 9 0.73 20.70 2.66
CA CYS B 9 1.46 20.81 1.42
C CYS B 9 1.78 19.43 0.81
N GLU B 10 2.19 18.46 1.62
CA GLU B 10 2.60 17.18 1.09
C GLU B 10 1.43 16.26 0.79
N ALA B 11 0.38 16.30 1.61
CA ALA B 11 -0.65 15.27 1.59
C ALA B 11 -2.07 15.81 1.74
N GLY B 12 -2.26 17.12 1.57
CA GLY B 12 -3.57 17.71 1.83
C GLY B 12 -4.06 17.49 3.25
N GLY B 13 -3.15 17.31 4.21
CA GLY B 13 -3.55 17.07 5.57
C GLY B 13 -4.00 15.64 5.91
N ASN B 14 -3.87 14.72 4.96
CA ASN B 14 -4.27 13.35 5.19
C ASN B 14 -3.11 12.54 5.76
N TRP B 15 -3.09 12.37 7.07
CA TRP B 15 -1.99 11.70 7.79
C TRP B 15 -1.92 10.22 7.45
N ALA B 16 -3.01 9.62 6.94
CA ALA B 16 -3.03 8.19 6.59
C ALA B 16 -2.88 7.98 5.08
N ILE B 17 -2.46 9.01 4.33
CA ILE B 17 -2.45 8.90 2.89
C ILE B 17 -1.46 7.80 2.44
N ASN B 18 -1.85 7.03 1.43
CA ASN B 18 -1.03 5.97 0.91
C ASN B 18 -1.47 5.71 -0.54
N THR B 19 -0.91 6.49 -1.45
CA THR B 19 -1.37 6.48 -2.85
C THR B 19 -0.65 5.51 -3.78
N GLY B 20 0.48 4.95 -3.36
CA GLY B 20 1.33 4.12 -4.20
C GLY B 20 2.43 4.88 -4.93
N ASN B 21 2.67 6.14 -4.55
CA ASN B 21 3.69 6.96 -5.19
C ASN B 21 5.11 6.80 -4.63
N GLY B 22 5.32 5.82 -3.76
CA GLY B 22 6.61 5.67 -3.10
C GLY B 22 6.77 6.37 -1.76
N TYR B 23 5.75 7.13 -1.35
CA TYR B 23 5.77 7.91 -0.13
C TYR B 23 4.52 7.63 0.68
N TYR B 24 4.59 7.91 1.99
CA TYR B 24 3.60 7.47 2.92
C TYR B 24 3.28 8.50 3.95
N GLY B 25 2.00 8.65 4.23
CA GLY B 25 1.55 9.46 5.37
C GLY B 25 1.58 10.98 5.13
N GLY B 26 1.33 11.73 6.19
CA GLY B 26 1.09 13.17 6.15
C GLY B 26 2.24 13.97 5.61
N VAL B 27 3.47 13.53 5.89
CA VAL B 27 4.64 14.30 5.42
C VAL B 27 5.39 13.53 4.34
N GLN B 28 4.73 12.50 3.80
CA GLN B 28 5.22 11.81 2.59
C GLN B 28 6.65 11.27 2.77
N PHE B 29 6.83 10.50 3.84
CA PHE B 29 8.07 9.78 4.06
C PHE B 29 8.22 8.66 3.03
N ASP B 30 9.44 8.51 2.50
CA ASP B 30 9.77 7.23 1.87
C ASP B 30 10.07 6.20 2.97
N GLN B 31 9.96 4.93 2.64
CA GLN B 31 10.13 3.87 3.62
C GLN B 31 11.52 3.90 4.27
N GLY B 32 12.55 4.15 3.46
CA GLY B 32 13.93 4.17 4.00
C GLY B 32 14.13 5.22 5.10
N THR B 33 13.53 6.40 4.90
CA THR B 33 13.67 7.49 5.84
C THR B 33 12.81 7.22 7.10
N TRP B 34 11.61 6.68 6.92
CA TRP B 34 10.82 6.20 8.05
C TRP B 34 11.63 5.25 8.93
N GLU B 35 12.27 4.28 8.29
CA GLU B 35 13.01 3.28 9.04
C GLU B 35 14.26 3.84 9.68
N ALA B 36 14.98 4.66 8.92
CA ALA B 36 16.28 5.20 9.40
C ALA B 36 16.11 6.03 10.66
N ASN B 37 14.93 6.65 10.82
CA ASN B 37 14.71 7.63 11.88
C ASN B 37 13.74 7.19 12.96
N GLY B 38 13.59 5.87 13.06
CA GLY B 38 12.98 5.25 14.20
C GLY B 38 11.52 4.87 14.06
N GLY B 39 10.94 5.06 12.87
CA GLY B 39 9.51 4.88 12.68
C GLY B 39 9.00 3.50 12.92
N LEU B 40 9.84 2.47 12.76
CA LEU B 40 9.34 1.08 13.00
C LEU B 40 9.00 0.85 14.47
N ARG B 41 9.51 1.70 15.35
CA ARG B 41 9.10 1.65 16.75
C ARG B 41 7.60 2.00 16.95
N TYR B 42 7.02 2.69 15.96
CA TYR B 42 5.63 3.12 15.99
C TYR B 42 4.74 2.27 15.12
N ALA B 43 5.11 2.02 13.89
CA ALA B 43 4.23 1.39 12.93
C ALA B 43 5.03 0.89 11.72
N PRO B 44 4.46 -0.04 10.94
CA PRO B 44 5.24 -0.59 9.85
C PRO B 44 5.59 0.45 8.74
N ARG B 45 4.71 1.43 8.57
CA ARG B 45 4.93 2.53 7.61
C ARG B 45 4.37 3.79 8.24
N ALA B 46 4.78 4.95 7.71
CA ALA B 46 4.35 6.23 8.22
C ALA B 46 2.82 6.38 8.25
N ASP B 47 2.15 5.91 7.19
CA ASP B 47 0.69 6.08 7.07
C ASP B 47 -0.08 5.32 8.13
N LEU B 48 0.56 4.36 8.77
CA LEU B 48 -0.11 3.54 9.80
C LEU B 48 0.16 4.07 11.19
N ALA B 49 1.00 5.09 11.30
CA ALA B 49 1.29 5.75 12.56
C ALA B 49 0.38 6.96 12.79
N THR B 50 0.23 7.38 14.05
CA THR B 50 -0.57 8.55 14.33
C THR B 50 0.14 9.83 13.84
N ARG B 51 -0.57 10.95 13.78
CA ARG B 51 0.04 12.24 13.48
C ARG B 51 1.17 12.56 14.44
N GLU B 52 1.00 12.33 15.74
CA GLU B 52 2.04 12.69 16.68
C GLU B 52 3.28 11.80 16.51
N GLU B 53 3.06 10.54 16.22
CA GLU B 53 4.16 9.63 15.87
C GLU B 53 4.90 10.04 14.63
N GLN B 54 4.17 10.32 13.56
CA GLN B 54 4.81 10.83 12.36
C GLN B 54 5.58 12.11 12.60
N ILE B 55 5.06 13.01 13.43
CA ILE B 55 5.77 14.24 13.76
C ILE B 55 7.06 13.99 14.55
N ALA B 56 7.04 13.05 15.48
CA ALA B 56 8.24 12.70 16.21
C ALA B 56 9.34 12.22 15.25
N VAL B 57 8.97 11.35 14.30
CA VAL B 57 9.93 10.88 13.29
C VAL B 57 10.41 12.00 12.39
N ALA B 58 9.52 12.90 12.06
CA ALA B 58 9.85 14.07 11.22
C ALA B 58 10.85 14.96 11.96
N GLU B 59 10.64 15.15 13.25
CA GLU B 59 11.56 15.91 14.07
C GLU B 59 12.95 15.26 14.11
N VAL B 60 13.01 13.95 14.32
CA VAL B 60 14.29 13.26 14.32
C VAL B 60 14.96 13.49 12.96
N THR B 61 14.18 13.38 11.90
CA THR B 61 14.68 13.58 10.55
C THR B 61 15.22 14.98 10.35
N ARG B 62 14.49 16.00 10.76
CA ARG B 62 14.94 17.43 10.64
C ARG B 62 16.22 17.65 11.45
N LEU B 63 16.26 17.10 12.66
CA LEU B 63 17.38 17.30 13.55
C LEU B 63 18.65 16.62 13.01
N ARG B 64 18.48 15.50 12.36
CA ARG B 64 19.62 14.76 11.79
C ARG B 64 20.07 15.21 10.41
N GLN B 65 19.13 15.50 9.55
CA GLN B 65 19.37 15.67 8.09
C GLN B 65 18.95 17.06 7.60
N GLY B 66 18.27 17.87 8.41
CA GLY B 66 17.71 19.12 7.94
C GLY B 66 16.40 18.95 7.17
N TRP B 67 16.03 19.98 6.45
CA TRP B 67 14.71 20.10 5.83
C TRP B 67 14.69 19.74 4.36
N GLY B 68 15.86 19.40 3.81
CA GLY B 68 16.00 18.98 2.42
C GLY B 68 15.15 17.87 1.85
N ALA B 69 14.60 16.96 2.69
CA ALA B 69 13.77 15.87 2.16
C ALA B 69 12.35 16.31 1.85
N TRP B 70 12.03 17.57 2.23
CA TRP B 70 10.76 18.21 1.90
C TRP B 70 11.01 19.48 1.04
N PRO B 71 11.51 19.29 -0.21
CA PRO B 71 12.12 20.44 -0.93
C PRO B 71 11.32 21.76 -1.02
N VAL B 72 10.12 21.67 -1.54
CA VAL B 72 9.23 22.82 -1.70
C VAL B 72 8.47 23.10 -0.40
N CYS B 73 7.91 22.04 0.20
CA CYS B 73 7.00 22.19 1.30
C CYS B 73 7.65 22.77 2.55
N ALA B 74 8.88 22.36 2.86
CA ALA B 74 9.51 22.89 4.07
C ALA B 74 9.89 24.36 3.84
N ALA B 75 10.42 24.67 2.67
CA ALA B 75 10.72 26.07 2.31
C ALA B 75 9.45 26.92 2.35
N ARG B 76 8.34 26.44 1.75
CA ARG B 76 7.08 27.20 1.79
C ARG B 76 6.59 27.36 3.22
N ALA B 77 6.64 26.28 4.00
CA ALA B 77 6.14 26.33 5.36
C ALA B 77 6.98 27.28 6.19
N GLY B 78 8.30 27.24 5.99
CA GLY B 78 9.25 28.01 6.79
C GLY B 78 10.33 27.22 7.51
N ALA B 79 11.08 26.42 6.75
CA ALA B 79 12.20 25.67 7.30
C ALA B 79 13.34 26.58 7.74
N ARG B 80 14.35 25.99 8.37
CA ARG B 80 15.54 26.71 8.85
C ARG B 80 16.43 27.15 7.68
N SER C 1 -1.87 -19.91 -4.02
CA SER C 1 -2.50 -20.95 -3.09
C SER C 1 -1.46 -21.92 -2.55
N ILE C 2 -0.65 -22.53 -3.43
CA ILE C 2 0.70 -22.87 -2.99
C ILE C 2 1.36 -21.65 -2.35
N TRP C 3 1.04 -20.45 -2.85
CA TRP C 3 1.63 -19.25 -2.28
C TRP C 3 1.22 -18.93 -0.87
N ASP C 4 -0.04 -19.18 -0.52
CA ASP C 4 -0.46 -19.00 0.85
C ASP C 4 0.18 -20.04 1.80
N ALA C 5 0.40 -21.25 1.30
CA ALA C 5 1.11 -22.28 2.05
C ALA C 5 2.56 -21.82 2.30
N ILE C 6 3.21 -21.34 1.25
CA ILE C 6 4.56 -20.84 1.41
C ILE C 6 4.64 -19.65 2.38
N ALA C 7 3.74 -18.67 2.24
CA ALA C 7 3.75 -17.50 3.11
C ALA C 7 3.46 -17.86 4.57
N GLY C 8 2.66 -18.92 4.78
CA GLY C 8 2.45 -19.42 6.15
C GLY C 8 3.77 -19.86 6.79
N CYS C 9 4.56 -20.57 6.00
CA CYS C 9 5.82 -21.14 6.43
C CYS C 9 6.88 -20.05 6.53
N GLU C 10 6.88 -19.13 5.57
CA GLU C 10 7.95 -18.11 5.50
C GLU C 10 7.74 -16.93 6.45
N ALA C 11 6.48 -16.57 6.63
CA ALA C 11 6.09 -15.27 7.20
C ALA C 11 4.83 -15.30 8.08
N GLY C 12 4.36 -16.49 8.41
CA GLY C 12 3.15 -16.62 9.18
C GLY C 12 1.92 -15.96 8.60
N GLY C 13 1.88 -15.84 7.26
CA GLY C 13 0.76 -15.27 6.56
C GLY C 13 0.67 -13.75 6.58
N ASN C 14 1.73 -13.08 7.02
CA ASN C 14 1.78 -11.61 7.05
C ASN C 14 2.54 -11.13 5.83
N TRP C 15 1.80 -10.71 4.82
CA TRP C 15 2.40 -10.28 3.56
C TRP C 15 3.11 -8.95 3.63
N ALA C 16 2.92 -8.20 4.73
CA ALA C 16 3.64 -6.94 4.97
C ALA C 16 4.82 -7.13 5.93
N ILE C 17 5.21 -8.37 6.22
CA ILE C 17 6.26 -8.59 7.23
C ILE C 17 7.59 -7.94 6.83
N ASN C 18 8.28 -7.39 7.83
CA ASN C 18 9.56 -6.70 7.63
C ASN C 18 10.23 -6.66 8.97
N THR C 19 11.01 -7.70 9.25
CA THR C 19 11.56 -7.87 10.60
C THR C 19 13.03 -7.45 10.67
N GLY C 20 13.57 -6.92 9.58
CA GLY C 20 14.94 -6.38 9.57
C GLY C 20 15.99 -7.48 9.37
N ASN C 21 15.57 -8.56 8.69
CA ASN C 21 16.42 -9.71 8.40
C ASN C 21 17.00 -9.83 6.98
N GLY C 22 16.87 -8.78 6.19
CA GLY C 22 17.29 -8.84 4.81
C GLY C 22 16.29 -9.36 3.80
N TYR C 23 15.10 -9.68 4.27
CA TYR C 23 14.01 -10.22 3.45
C TYR C 23 12.72 -9.50 3.77
N TYR C 24 11.79 -9.54 2.81
CA TYR C 24 10.62 -8.67 2.85
C TYR C 24 9.38 -9.41 2.37
N GLY C 25 8.28 -9.23 3.08
CA GLY C 25 7.00 -9.66 2.61
C GLY C 25 6.71 -11.11 2.84
N GLY C 26 5.56 -11.52 2.33
CA GLY C 26 5.01 -12.81 2.66
C GLY C 26 5.77 -14.01 2.13
N VAL C 27 6.56 -13.84 1.05
CA VAL C 27 7.44 -14.92 0.57
C VAL C 27 8.91 -14.54 0.73
N GLN C 28 9.17 -13.53 1.55
CA GLN C 28 10.52 -13.26 2.00
C GLN C 28 11.52 -13.06 0.83
N PHE C 29 11.18 -12.11 -0.04
CA PHE C 29 12.10 -11.68 -1.11
C PHE C 29 13.27 -10.92 -0.52
N ASP C 30 14.46 -11.19 -1.06
CA ASP C 30 15.51 -10.18 -0.90
C ASP C 30 15.31 -9.05 -1.92
N GLN C 31 15.94 -7.92 -1.67
CA GLN C 31 15.71 -6.79 -2.53
C GLN C 31 16.21 -7.00 -3.95
N GLY C 32 17.34 -7.67 -4.11
CA GLY C 32 17.89 -7.85 -5.45
C GLY C 32 16.96 -8.68 -6.32
N THR C 33 16.34 -9.70 -5.71
CA THR C 33 15.44 -10.58 -6.46
C THR C 33 14.13 -9.86 -6.77
N TRP C 34 13.63 -9.06 -5.83
CA TRP C 34 12.44 -8.22 -6.08
C TRP C 34 12.66 -7.31 -7.30
N GLU C 35 13.81 -6.65 -7.33
CA GLU C 35 14.12 -5.71 -8.42
C GLU C 35 14.38 -6.46 -9.72
N ALA C 36 15.11 -7.58 -9.69
CA ALA C 36 15.50 -8.24 -10.92
C ALA C 36 14.28 -8.79 -11.66
N ASN C 37 13.24 -9.12 -10.89
CA ASN C 37 12.07 -9.79 -11.47
C ASN C 37 10.85 -8.89 -11.67
N GLY C 38 11.09 -7.57 -11.69
CA GLY C 38 10.11 -6.59 -12.09
C GLY C 38 9.30 -5.97 -10.97
N GLY C 39 9.68 -6.25 -9.73
CA GLY C 39 8.91 -5.77 -8.56
C GLY C 39 8.79 -4.27 -8.36
N LEU C 40 9.78 -3.49 -8.86
CA LEU C 40 9.73 -2.03 -8.63
C LEU C 40 8.56 -1.39 -9.33
N ARG C 41 8.02 -2.05 -10.35
CA ARG C 41 6.83 -1.54 -10.97
C ARG C 41 5.64 -1.55 -10.05
N TYR C 42 5.64 -2.45 -9.06
CA TYR C 42 4.54 -2.60 -8.13
C TYR C 42 4.74 -1.78 -6.86
N ALA C 43 5.92 -1.87 -6.28
CA ALA C 43 6.22 -1.15 -5.04
C ALA C 43 7.73 -1.13 -4.80
N PRO C 44 8.19 -0.29 -3.86
CA PRO C 44 9.64 -0.17 -3.71
C PRO C 44 10.35 -1.40 -3.14
N ARG C 45 9.58 -2.23 -2.43
CA ARG C 45 10.04 -3.49 -1.83
C ARG C 45 8.84 -4.42 -1.76
N ALA C 46 9.11 -5.73 -1.58
CA ALA C 46 8.05 -6.72 -1.59
C ALA C 46 7.00 -6.47 -0.50
N ASP C 47 7.43 -6.08 0.71
CA ASP C 47 6.51 -5.87 1.82
C ASP C 47 5.58 -4.66 1.64
N LEU C 48 5.92 -3.81 0.69
CA LEU C 48 5.12 -2.61 0.35
C LEU C 48 4.17 -2.89 -0.80
N ALA C 49 4.16 -4.13 -1.33
CA ALA C 49 3.27 -4.53 -2.44
C ALA C 49 2.11 -5.36 -1.88
N THR C 50 1.03 -5.49 -2.65
CA THR C 50 -0.04 -6.38 -2.20
C THR C 50 0.38 -7.84 -2.32
N ARG C 51 -0.38 -8.71 -1.66
CA ARG C 51 -0.23 -10.14 -1.81
C ARG C 51 -0.17 -10.53 -3.30
N GLU C 52 -1.10 -10.02 -4.09
CA GLU C 52 -1.23 -10.47 -5.47
C GLU C 52 -0.04 -9.97 -6.29
N GLU C 53 0.41 -8.76 -6.01
CA GLU C 53 1.65 -8.23 -6.65
C GLU C 53 2.88 -9.08 -6.30
N GLN C 54 3.03 -9.36 -5.00
CA GLN C 54 4.09 -10.24 -4.56
C GLN C 54 4.06 -11.61 -5.26
N ILE C 55 2.87 -12.21 -5.37
CA ILE C 55 2.71 -13.50 -6.05
C ILE C 55 3.08 -13.39 -7.54
N ALA C 56 2.70 -12.29 -8.18
CA ALA C 56 3.08 -12.09 -9.59
C ALA C 56 4.59 -12.15 -9.81
N VAL C 57 5.29 -11.46 -8.93
CA VAL C 57 6.74 -11.46 -9.00
C VAL C 57 7.32 -12.82 -8.57
N ALA C 58 6.70 -13.47 -7.58
CA ALA C 58 7.12 -14.81 -7.16
C ALA C 58 6.95 -15.87 -8.27
N GLU C 59 5.91 -15.73 -9.08
CA GLU C 59 5.74 -16.65 -10.23
C GLU C 59 6.91 -16.48 -11.20
N VAL C 60 7.20 -15.24 -11.59
CA VAL C 60 8.37 -14.98 -12.44
C VAL C 60 9.62 -15.61 -11.83
N THR C 61 9.82 -15.41 -10.53
CA THR C 61 10.98 -15.92 -9.81
C THR C 61 11.06 -17.43 -9.89
N ARG C 62 9.95 -18.10 -9.57
CA ARG C 62 9.84 -19.55 -9.66
C ARG C 62 10.12 -20.08 -11.06
N LEU C 63 9.65 -19.39 -12.09
CA LEU C 63 9.89 -19.83 -13.45
C LEU C 63 11.37 -19.71 -13.82
N ARG C 64 12.02 -18.65 -13.33
CA ARG C 64 13.44 -18.39 -13.66
C ARG C 64 14.39 -19.27 -12.86
N GLN C 65 14.20 -19.31 -11.55
CA GLN C 65 15.20 -19.96 -10.68
C GLN C 65 14.69 -21.23 -10.00
N GLY C 66 13.42 -21.59 -10.17
CA GLY C 66 12.80 -22.76 -9.56
C GLY C 66 12.33 -22.51 -8.14
N TRP C 67 11.83 -23.56 -7.53
CA TRP C 67 11.35 -23.48 -6.15
C TRP C 67 12.45 -23.33 -5.08
N GLY C 68 13.70 -23.51 -5.45
CA GLY C 68 14.83 -23.34 -4.53
C GLY C 68 15.02 -21.96 -3.93
N ALA C 69 14.33 -20.97 -4.48
CA ALA C 69 14.28 -19.67 -3.85
C ALA C 69 13.66 -19.73 -2.45
N TRP C 70 12.80 -20.74 -2.18
CA TRP C 70 12.18 -21.01 -0.88
C TRP C 70 12.57 -22.44 -0.48
N PRO C 71 13.82 -22.61 -0.03
CA PRO C 71 14.41 -23.97 -0.03
C PRO C 71 13.81 -24.93 0.94
N VAL C 72 13.20 -24.41 2.00
CA VAL C 72 12.46 -25.26 2.91
C VAL C 72 10.96 -25.16 2.68
N CYS C 73 10.43 -23.95 2.61
CA CYS C 73 9.00 -23.77 2.60
C CYS C 73 8.32 -24.27 1.33
N ALA C 74 8.95 -24.17 0.16
CA ALA C 74 8.32 -24.65 -1.04
C ALA C 74 8.20 -26.19 -1.02
N ALA C 75 9.28 -26.84 -0.58
CA ALA C 75 9.31 -28.31 -0.48
C ALA C 75 8.25 -28.78 0.53
N ARG C 76 8.15 -28.11 1.66
CA ARG C 76 7.20 -28.50 2.71
C ARG C 76 5.76 -28.30 2.30
N ALA C 77 5.54 -27.33 1.41
CA ALA C 77 4.22 -27.11 0.81
C ALA C 77 3.92 -28.03 -0.38
N GLY C 78 4.93 -28.74 -0.89
CA GLY C 78 4.82 -29.50 -2.16
C GLY C 78 5.51 -28.75 -3.30
N ALA C 79 5.20 -27.46 -3.43
CA ALA C 79 5.74 -26.58 -4.48
C ALA C 79 5.36 -27.09 -5.85
N ARG C 80 4.18 -26.66 -6.32
CA ARG C 80 3.55 -27.13 -7.58
C ARG C 80 4.48 -27.86 -8.56
N SER D 1 -25.29 -20.10 5.94
CA SER D 1 -25.47 -20.70 7.30
C SER D 1 -24.15 -21.23 7.90
N ILE D 2 -23.22 -21.71 7.06
CA ILE D 2 -22.00 -22.35 7.56
C ILE D 2 -21.15 -21.33 8.32
N TRP D 3 -21.11 -20.11 7.81
CA TRP D 3 -20.31 -19.07 8.47
C TRP D 3 -20.91 -18.68 9.81
N ASP D 4 -22.23 -18.70 9.92
CA ASP D 4 -22.86 -18.40 11.21
C ASP D 4 -22.53 -19.50 12.24
N ALA D 5 -22.43 -20.75 11.79
CA ALA D 5 -22.01 -21.86 12.63
C ALA D 5 -20.56 -21.66 13.08
N ILE D 6 -19.68 -21.39 12.11
CA ILE D 6 -18.28 -21.07 12.42
C ILE D 6 -18.17 -19.86 13.37
N ALA D 7 -18.95 -18.82 13.13
CA ALA D 7 -18.94 -17.66 14.02
C ALA D 7 -19.48 -17.94 15.42
N GLY D 8 -20.43 -18.87 15.50
CA GLY D 8 -20.86 -19.34 16.82
C GLY D 8 -19.74 -19.95 17.63
N CYS D 9 -18.93 -20.77 16.97
CA CYS D 9 -17.77 -21.40 17.57
C CYS D 9 -16.64 -20.39 17.82
N GLU D 10 -16.35 -19.51 16.87
CA GLU D 10 -15.18 -18.63 17.02
C GLU D 10 -15.43 -17.47 17.96
N ALA D 11 -16.65 -16.97 17.97
CA ALA D 11 -16.93 -15.65 18.53
C ALA D 11 -18.28 -15.56 19.22
N GLY D 12 -18.89 -16.71 19.53
CA GLY D 12 -20.23 -16.72 20.11
C GLY D 12 -21.28 -16.02 19.26
N GLY D 13 -21.07 -16.01 17.94
CA GLY D 13 -21.99 -15.34 17.03
C GLY D 13 -21.89 -13.83 16.95
N ASN D 14 -20.88 -13.24 17.58
CA ASN D 14 -20.76 -11.81 17.64
C ASN D 14 -19.83 -11.31 16.53
N TRP D 15 -20.45 -10.74 15.50
CA TRP D 15 -19.71 -10.33 14.30
C TRP D 15 -18.86 -9.10 14.52
N ALA D 16 -19.11 -8.36 15.61
CA ALA D 16 -18.38 -7.17 15.98
C ALA D 16 -17.32 -7.39 17.08
N ILE D 17 -17.00 -8.63 17.38
CA ILE D 17 -16.20 -8.89 18.58
C ILE D 17 -14.77 -8.39 18.42
N ASN D 18 -14.21 -7.85 19.51
CA ASN D 18 -12.86 -7.35 19.53
C ASN D 18 -12.44 -7.35 20.99
N THR D 19 -11.87 -8.47 21.44
CA THR D 19 -11.54 -8.62 22.85
C THR D 19 -10.06 -8.35 23.17
N GLY D 20 -9.28 -7.92 22.19
CA GLY D 20 -7.90 -7.57 22.42
C GLY D 20 -6.97 -8.77 22.36
N ASN D 21 -7.34 -9.81 21.61
CA ASN D 21 -6.59 -11.07 21.53
C ASN D 21 -5.82 -11.26 20.22
N GLY D 22 -5.76 -10.21 19.41
CA GLY D 22 -5.07 -10.29 18.08
C GLY D 22 -5.95 -10.78 16.94
N TYR D 23 -7.21 -11.09 17.26
CA TYR D 23 -8.19 -11.54 16.25
C TYR D 23 -9.45 -10.68 16.32
N TYR D 24 -10.18 -10.61 15.22
CA TYR D 24 -11.27 -9.63 15.06
C TYR D 24 -12.46 -10.18 14.33
N GLY D 25 -13.62 -9.84 14.86
CA GLY D 25 -14.90 -10.12 14.24
C GLY D 25 -15.41 -11.54 14.35
N GLY D 26 -16.46 -11.86 13.62
CA GLY D 26 -17.20 -13.12 13.83
C GLY D 26 -16.45 -14.39 13.52
N VAL D 27 -15.52 -14.34 12.56
CA VAL D 27 -14.70 -15.50 12.27
C VAL D 27 -13.23 -15.33 12.68
N GLN D 28 -13.02 -14.36 13.55
CA GLN D 28 -11.74 -14.16 14.20
C GLN D 28 -10.55 -14.14 13.25
N PHE D 29 -10.59 -13.19 12.30
CA PHE D 29 -9.44 -12.93 11.47
C PHE D 29 -8.34 -12.26 12.26
N ASP D 30 -7.11 -12.68 12.03
CA ASP D 30 -5.98 -11.81 12.39
C ASP D 30 -5.82 -10.76 11.34
N GLN D 31 -5.07 -9.72 11.65
CA GLN D 31 -4.98 -8.56 10.76
C GLN D 31 -4.28 -8.90 9.44
N GLY D 32 -3.25 -9.73 9.53
CA GLY D 32 -2.52 -10.20 8.31
C GLY D 32 -3.43 -10.88 7.32
N THR D 33 -4.32 -11.73 7.85
CA THR D 33 -5.22 -12.49 6.98
C THR D 33 -6.33 -11.58 6.40
N TRP D 34 -6.85 -10.67 7.22
CA TRP D 34 -7.82 -9.69 6.73
C TRP D 34 -7.26 -8.88 5.56
N GLU D 35 -6.04 -8.39 5.75
CA GLU D 35 -5.42 -7.51 4.74
C GLU D 35 -5.08 -8.34 3.48
N ALA D 36 -4.56 -9.54 3.66
CA ALA D 36 -4.10 -10.37 2.50
C ALA D 36 -5.25 -10.72 1.57
N ASN D 37 -6.45 -10.82 2.13
CA ASN D 37 -7.58 -11.37 1.37
C ASN D 37 -8.61 -10.30 1.01
N GLY D 38 -8.16 -9.05 1.05
CA GLY D 38 -8.92 -7.96 0.50
C GLY D 38 -9.81 -7.20 1.45
N GLY D 39 -9.70 -7.50 2.75
CA GLY D 39 -10.53 -6.85 3.76
C GLY D 39 -10.45 -5.35 3.85
N LEU D 40 -9.27 -4.79 3.55
CA LEU D 40 -9.13 -3.34 3.67
C LEU D 40 -10.04 -2.59 2.68
N ARG D 41 -10.53 -3.27 1.64
CA ARG D 41 -11.51 -2.66 0.73
C ARG D 41 -12.80 -2.32 1.43
N TYR D 42 -13.11 -3.05 2.50
CA TYR D 42 -14.38 -2.92 3.22
C TYR D 42 -14.24 -2.14 4.52
N ALA D 43 -13.22 -2.46 5.30
CA ALA D 43 -13.01 -1.87 6.61
C ALA D 43 -11.58 -2.02 7.07
N PRO D 44 -11.14 -1.18 8.02
CA PRO D 44 -9.75 -1.30 8.43
C PRO D 44 -9.40 -2.57 9.19
N ARG D 45 -10.40 -3.23 9.77
CA ARG D 45 -10.25 -4.53 10.44
C ARG D 45 -11.54 -5.29 10.26
N ALA D 46 -11.47 -6.61 10.45
CA ALA D 46 -12.64 -7.44 10.22
C ALA D 46 -13.85 -7.07 11.03
N ASP D 47 -13.65 -6.76 12.32
CA ASP D 47 -14.78 -6.48 13.19
C ASP D 47 -15.58 -5.23 12.79
N LEU D 48 -14.95 -4.36 12.01
CA LEU D 48 -15.54 -3.09 11.59
C LEU D 48 -16.28 -3.24 10.25
N ALA D 49 -16.18 -4.41 9.61
CA ALA D 49 -16.92 -4.72 8.39
C ALA D 49 -18.24 -5.37 8.77
N THR D 50 -19.21 -5.35 7.85
CA THR D 50 -20.46 -6.03 8.04
C THR D 50 -20.26 -7.55 8.01
N ARG D 51 -21.21 -8.28 8.57
CA ARG D 51 -21.20 -9.74 8.50
C ARG D 51 -20.98 -10.20 7.07
N GLU D 52 -21.70 -9.59 6.14
CA GLU D 52 -21.66 -10.07 4.78
C GLU D 52 -20.30 -9.76 4.14
N GLU D 53 -19.71 -8.62 4.49
CA GLU D 53 -18.34 -8.29 4.06
C GLU D 53 -17.32 -9.31 4.62
N GLN D 54 -17.45 -9.60 5.91
CA GLN D 54 -16.56 -10.58 6.57
C GLN D 54 -16.67 -11.94 5.88
N ILE D 55 -17.89 -12.38 5.55
CA ILE D 55 -18.07 -13.65 4.90
C ILE D 55 -17.43 -13.67 3.51
N ALA D 56 -17.58 -12.58 2.76
CA ALA D 56 -16.94 -12.49 1.42
C ALA D 56 -15.42 -12.68 1.53
N VAL D 57 -14.81 -11.97 2.47
CA VAL D 57 -13.34 -12.11 2.66
C VAL D 57 -13.01 -13.55 3.14
N ALA D 58 -13.85 -14.11 4.01
CA ALA D 58 -13.66 -15.47 4.48
C ALA D 58 -13.73 -16.48 3.32
N GLU D 59 -14.66 -16.24 2.39
CA GLU D 59 -14.79 -17.11 1.24
C GLU D 59 -13.55 -17.08 0.34
N VAL D 60 -12.98 -15.90 0.13
CA VAL D 60 -11.74 -15.78 -0.64
C VAL D 60 -10.61 -16.47 0.15
N THR D 61 -10.54 -16.22 1.46
CA THR D 61 -9.54 -16.90 2.31
C THR D 61 -9.63 -18.44 2.22
N ARG D 62 -10.84 -18.96 2.35
CA ARG D 62 -11.09 -20.38 2.32
C ARG D 62 -10.71 -20.94 0.95
N LEU D 63 -11.00 -20.23 -0.13
CA LEU D 63 -10.60 -20.67 -1.47
C LEU D 63 -9.06 -20.85 -1.53
N ARG D 64 -8.31 -19.93 -0.91
CA ARG D 64 -6.85 -19.91 -0.99
C ARG D 64 -6.19 -20.83 0.04
N GLN D 65 -6.81 -20.98 1.22
CA GLN D 65 -6.16 -21.65 2.37
C GLN D 65 -6.84 -22.91 2.81
N GLY D 66 -8.06 -23.14 2.36
CA GLY D 66 -8.89 -24.22 2.89
C GLY D 66 -9.53 -23.89 4.22
N TRP D 67 -10.24 -24.88 4.78
CA TRP D 67 -11.01 -24.68 6.01
C TRP D 67 -10.11 -24.63 7.24
N GLY D 68 -8.85 -24.99 7.06
CA GLY D 68 -7.87 -24.99 8.12
C GLY D 68 -7.52 -23.65 8.75
N ALA D 69 -7.90 -22.55 8.09
CA ALA D 69 -7.75 -21.22 8.69
C ALA D 69 -8.64 -21.09 9.95
N TRP D 70 -9.63 -21.97 10.05
CA TRP D 70 -10.50 -22.15 11.21
C TRP D 70 -10.36 -23.64 11.63
N PRO D 71 -9.22 -23.98 12.23
CA PRO D 71 -8.83 -25.40 12.41
C PRO D 71 -9.73 -26.23 13.35
N VAL D 72 -10.40 -25.58 14.30
CA VAL D 72 -11.41 -26.25 15.13
C VAL D 72 -12.85 -25.94 14.70
N CYS D 73 -13.16 -24.66 14.55
CA CYS D 73 -14.51 -24.25 14.32
C CYS D 73 -15.13 -24.72 12.99
N ALA D 74 -14.31 -24.89 11.94
CA ALA D 74 -14.83 -25.36 10.65
C ALA D 74 -15.38 -26.79 10.78
N ALA D 75 -14.63 -27.65 11.46
CA ALA D 75 -15.10 -29.01 11.79
C ALA D 75 -16.32 -29.00 12.69
N ARG D 76 -16.29 -28.20 13.74
CA ARG D 76 -17.41 -28.14 14.69
C ARG D 76 -18.69 -27.57 14.06
N ALA D 77 -18.54 -26.79 12.99
CA ALA D 77 -19.66 -26.33 12.16
C ALA D 77 -20.12 -27.40 11.17
N GLY D 78 -19.19 -28.25 10.72
CA GLY D 78 -19.47 -29.32 9.76
C GLY D 78 -18.97 -29.06 8.34
N ALA D 79 -17.84 -28.33 8.23
CA ALA D 79 -17.26 -27.97 6.93
C ALA D 79 -15.97 -28.74 6.67
N ARG D 80 -15.55 -28.80 5.41
CA ARG D 80 -14.47 -29.71 5.01
C ARG D 80 -13.07 -29.14 5.33
S SO4 E . 9.17 20.86 -29.10
O1 SO4 E . 7.83 20.33 -28.88
O2 SO4 E . 10.00 19.75 -29.56
O3 SO4 E . 9.10 21.93 -30.08
O4 SO4 E . 9.62 21.40 -27.81
S SO4 F . 21.72 10.59 16.98
O1 SO4 F . 21.30 10.44 18.37
O2 SO4 F . 21.72 9.24 16.47
O3 SO4 F . 20.80 11.40 16.21
O4 SO4 F . 23.04 11.21 16.92
#